data_6U2Z
#
_entry.id   6U2Z
#
_cell.length_a   104.234
_cell.length_b   104.234
_cell.length_c   98.793
_cell.angle_alpha   90.000
_cell.angle_beta   90.000
_cell.angle_gamma   120.000
#
_symmetry.space_group_name_H-M   'P 64 2 2'
#
loop_
_entity.id
_entity.type
_entity.pdbx_description
1 polymer 'Putative metallo-beta-lactamase l1 (Beta-lactamase type ii) (Ec 3.5.2.6) (Penicillinase)'
2 non-polymer '(2R)-2-[(1R)-1-{[(2R)-2-carboxy-2-(4-hydroxyphenyl)acetyl]amino}-1-methoxy-2-oxoethyl]-5-methylidene-5,6-dihydro-2H-1,3 -oxazine-4-carboxylic acid'
3 non-polymer 'COPPER (II) ION'
4 non-polymer 1,2-ETHANEDIOL
5 water water
#
_entity_poly.entity_id   1
_entity_poly.type   'polypeptide(L)'
_entity_poly.pdbx_seq_one_letter_code
;SNASAAEAPLPQLRAYTVDASWLQPMAPLQVADHTWQIGTEDLTALLVQTAEGAVLLDGGMPQMAGHLLDNMKLRGVAPQ
DLRLILLSHAHADHAGPVAELKRRTGAHVAANAETAVLLARGGSNDLHFGDGITYPPASADRIIMDGEVVTVGGIAFTAH
FMPGHTPGSTAWTWTDTRDGKPVRIAYADSLSAPGYQLKGNPRYPRLIEDYKRSFATVRALPCDLLLTPHPGASNWNYAV
GSKASAEALTCNAYADAAEKKFDAQLARETAGTR
;
_entity_poly.pdbx_strand_id   A
#
# COMPACT_ATOMS: atom_id res chain seq x y z
N GLU A 7 0.51 -2.23 44.48
CA GLU A 7 0.85 -3.03 43.31
C GLU A 7 0.40 -2.34 42.03
N ALA A 8 1.26 -2.39 41.02
CA ALA A 8 0.94 -1.73 39.75
C ALA A 8 -0.13 -2.54 39.00
N PRO A 9 -1.10 -1.87 38.39
CA PRO A 9 -2.07 -2.56 37.53
C PRO A 9 -1.45 -2.91 36.19
N LEU A 10 -2.15 -3.79 35.46
CA LEU A 10 -1.76 -4.06 34.09
C LEU A 10 -1.83 -2.77 33.27
N PRO A 11 -0.97 -2.62 32.27
CA PRO A 11 -0.93 -1.36 31.53
C PRO A 11 -2.18 -1.17 30.67
N GLN A 12 -2.56 0.10 30.51
CA GLN A 12 -3.66 0.43 29.62
C GLN A 12 -3.28 0.10 28.18
N LEU A 13 -4.30 -0.09 27.35
CA LEU A 13 -4.07 -0.28 25.93
C LEU A 13 -3.48 0.97 25.31
N ARG A 14 -2.48 0.79 24.44
CA ARG A 14 -1.83 1.89 23.76
C ARG A 14 -2.37 1.99 22.34
N ALA A 15 -2.77 3.19 21.95
CA ALA A 15 -3.30 3.40 20.61
C ALA A 15 -2.17 3.58 19.60
N TYR A 16 -2.44 3.18 18.36
CA TYR A 16 -1.49 3.32 17.26
C TYR A 16 -1.51 4.78 16.81
N THR A 17 -0.56 5.56 17.33
CA THR A 17 -0.40 6.95 16.97
C THR A 17 0.67 7.10 15.89
N VAL A 18 0.50 8.10 15.04
CA VAL A 18 1.38 8.34 13.90
C VAL A 18 1.67 9.83 13.81
N ASP A 19 2.62 10.18 12.95
CA ASP A 19 2.94 11.59 12.74
C ASP A 19 1.74 12.31 12.14
N ALA A 20 1.62 13.60 12.50
CA ALA A 20 0.44 14.38 12.09
C ALA A 20 0.29 14.41 10.57
N SER A 21 1.42 14.47 9.85
CA SER A 21 1.36 14.54 8.39
C SER A 21 0.74 13.29 7.77
N TRP A 22 0.78 12.16 8.47
CA TRP A 22 0.07 10.97 7.99
C TRP A 22 -1.44 11.16 8.03
N LEU A 23 -1.93 12.12 8.83
CA LEU A 23 -3.35 12.36 9.00
C LEU A 23 -3.76 13.74 8.51
N GLN A 24 -2.94 14.36 7.65
CA GLN A 24 -3.24 15.69 7.14
C GLN A 24 -3.99 15.56 5.82
N PRO A 25 -5.30 15.85 5.77
CA PRO A 25 -6.03 15.68 4.52
C PRO A 25 -5.49 16.59 3.42
N MET A 26 -5.65 16.12 2.18
CA MET A 26 -5.25 16.88 1.00
C MET A 26 -6.31 16.73 -0.08
N ALA A 27 -6.39 17.74 -0.95
CA ALA A 27 -7.30 17.67 -2.09
C ALA A 27 -6.79 16.65 -3.10
N PRO A 28 -7.66 16.14 -3.98
CA PRO A 28 -7.23 15.17 -4.98
C PRO A 28 -6.11 15.73 -5.85
N LEU A 29 -5.03 14.95 -5.97
CA LEU A 29 -3.86 15.30 -6.77
C LEU A 29 -3.77 14.35 -7.95
N GLN A 30 -3.80 14.89 -9.16
CA GLN A 30 -3.85 14.04 -10.36
C GLN A 30 -2.47 13.47 -10.66
N VAL A 31 -2.41 12.15 -10.82
CA VAL A 31 -1.17 11.46 -11.16
C VAL A 31 -1.09 11.17 -12.66
N ALA A 32 -2.22 10.83 -13.27
CA ALA A 32 -2.34 10.63 -14.72
C ALA A 32 -3.80 10.87 -15.08
N ASP A 33 -4.17 10.53 -16.32
CA ASP A 33 -5.50 10.89 -16.82
C ASP A 33 -6.62 10.33 -15.93
N HIS A 34 -6.42 9.15 -15.34
CA HIS A 34 -7.45 8.54 -14.51
C HIS A 34 -7.00 8.20 -13.10
N THR A 35 -5.77 8.52 -12.73
CA THR A 35 -5.21 8.13 -11.44
C THR A 35 -5.03 9.38 -10.59
N TRP A 36 -5.55 9.33 -9.37
CA TRP A 36 -5.52 10.44 -8.43
C TRP A 36 -5.04 9.96 -7.07
N GLN A 37 -4.20 10.77 -6.43
CA GLN A 37 -3.88 10.60 -5.02
C GLN A 37 -4.94 11.33 -4.19
N ILE A 38 -5.67 10.58 -3.36
CA ILE A 38 -6.79 11.15 -2.63
C ILE A 38 -6.66 10.86 -1.14
N GLY A 39 -5.47 10.42 -0.71
CA GLY A 39 -5.25 10.12 0.69
C GLY A 39 -4.85 11.35 1.49
N THR A 40 -3.79 11.24 2.28
CA THR A 40 -3.25 12.36 3.02
C THR A 40 -1.89 12.73 2.45
N GLU A 41 -1.23 13.70 3.09
CA GLU A 41 0.05 14.18 2.60
C GLU A 41 1.14 13.12 2.69
N ASP A 42 1.08 12.24 3.69
CA ASP A 42 2.11 11.23 3.89
C ASP A 42 1.59 9.81 3.81
N LEU A 43 0.36 9.59 3.32
CA LEU A 43 -0.18 8.26 3.11
C LEU A 43 -0.85 8.20 1.75
N THR A 44 -0.41 7.29 0.91
CA THR A 44 -0.93 7.17 -0.43
C THR A 44 -2.27 6.44 -0.44
N ALA A 45 -3.22 6.98 -1.21
CA ALA A 45 -4.48 6.30 -1.49
C ALA A 45 -4.86 6.68 -2.92
N LEU A 46 -4.77 5.73 -3.83
CA LEU A 46 -4.90 6.00 -5.26
C LEU A 46 -6.31 5.65 -5.75
N LEU A 47 -6.93 6.57 -6.45
CA LEU A 47 -8.22 6.37 -7.09
C LEU A 47 -8.02 6.30 -8.59
N VAL A 48 -8.43 5.19 -9.20
CA VAL A 48 -8.42 5.02 -10.65
C VAL A 48 -9.87 5.01 -11.11
N GLN A 49 -10.23 5.97 -11.95
CA GLN A 49 -11.60 6.14 -12.43
C GLN A 49 -11.75 5.54 -13.81
N THR A 50 -12.66 4.58 -13.95
CA THR A 50 -12.97 3.96 -15.23
C THR A 50 -14.39 4.32 -15.64
N ALA A 51 -14.75 3.92 -16.86
CA ALA A 51 -16.11 4.14 -17.33
C ALA A 51 -17.11 3.28 -16.56
N GLU A 52 -16.68 2.13 -16.05
CA GLU A 52 -17.56 1.19 -15.37
C GLU A 52 -17.35 1.17 -13.86
N GLY A 53 -16.84 2.25 -13.29
CA GLY A 53 -16.66 2.35 -11.85
C GLY A 53 -15.23 2.71 -11.49
N ALA A 54 -15.02 2.88 -10.18
CA ALA A 54 -13.75 3.35 -9.64
C ALA A 54 -13.03 2.23 -8.88
N VAL A 55 -11.71 2.33 -8.84
CA VAL A 55 -10.85 1.42 -8.10
C VAL A 55 -10.07 2.24 -7.08
N LEU A 56 -9.88 1.66 -5.89
CA LEU A 56 -9.09 2.29 -4.84
C LEU A 56 -7.94 1.35 -4.45
N LEU A 57 -6.72 1.87 -4.46
CA LEU A 57 -5.54 1.15 -4.03
C LEU A 57 -5.07 1.76 -2.71
N ASP A 58 -5.19 0.99 -1.62
CA ASP A 58 -4.88 1.43 -0.26
C ASP A 58 -5.84 2.52 0.20
N GLY A 59 -5.99 2.67 1.51
CA GLY A 59 -6.90 3.66 2.06
C GLY A 59 -6.31 4.41 3.24
N GLY A 60 -5.10 4.04 3.66
CA GLY A 60 -4.44 4.72 4.75
C GLY A 60 -4.88 4.27 6.12
N MET A 61 -5.06 5.22 7.03
CA MET A 61 -5.40 4.92 8.41
C MET A 61 -6.89 4.65 8.56
N PRO A 62 -7.31 4.01 9.66
CA PRO A 62 -8.75 3.76 9.86
C PRO A 62 -9.60 5.02 9.84
N GLN A 63 -9.09 6.14 10.36
CA GLN A 63 -9.90 7.36 10.46
C GLN A 63 -9.96 8.14 9.15
N MET A 64 -9.40 7.62 8.06
CA MET A 64 -9.40 8.30 6.77
C MET A 64 -10.61 7.94 5.91
N ALA A 65 -11.50 7.08 6.39
CA ALA A 65 -12.59 6.57 5.54
C ALA A 65 -13.48 7.70 5.03
N GLY A 66 -13.91 8.60 5.94
CA GLY A 66 -14.74 9.71 5.52
C GLY A 66 -14.03 10.64 4.54
N HIS A 67 -12.75 10.93 4.80
CA HIS A 67 -12.01 11.82 3.92
C HIS A 67 -11.87 11.22 2.52
N LEU A 68 -11.67 9.90 2.44
CA LEU A 68 -11.58 9.25 1.13
C LEU A 68 -12.88 9.40 0.36
N LEU A 69 -14.02 9.16 1.02
CA LEU A 69 -15.31 9.30 0.36
C LEU A 69 -15.60 10.74 -0.05
N ASP A 70 -15.16 11.70 0.76
CA ASP A 70 -15.26 13.11 0.36
C ASP A 70 -14.49 13.37 -0.92
N ASN A 71 -13.25 12.86 -1.00
CA ASN A 71 -12.43 13.10 -2.18
C ASN A 71 -12.99 12.38 -3.40
N MET A 72 -13.48 11.15 -3.20
CA MET A 72 -14.16 10.45 -4.29
C MET A 72 -15.30 11.28 -4.85
N LYS A 73 -16.06 11.94 -3.97
CA LYS A 73 -17.18 12.75 -4.42
C LYS A 73 -16.71 14.00 -5.15
N LEU A 74 -15.58 14.58 -4.74
CA LEU A 74 -15.00 15.68 -5.49
C LEU A 74 -14.60 15.25 -6.90
N ARG A 75 -14.21 13.99 -7.06
CA ARG A 75 -13.90 13.44 -8.38
C ARG A 75 -15.14 12.98 -9.13
N GLY A 76 -16.33 13.16 -8.56
CA GLY A 76 -17.56 12.69 -9.19
C GLY A 76 -17.89 11.24 -8.94
N VAL A 77 -17.22 10.58 -8.01
CA VAL A 77 -17.43 9.17 -7.73
C VAL A 77 -18.34 9.06 -6.51
N ALA A 78 -19.59 8.65 -6.74
CA ALA A 78 -20.49 8.36 -5.64
C ALA A 78 -19.98 7.13 -4.87
N PRO A 79 -20.36 6.99 -3.59
CA PRO A 79 -19.88 5.84 -2.82
C PRO A 79 -20.12 4.50 -3.50
N GLN A 80 -21.33 4.24 -4.00
CA GLN A 80 -21.64 2.96 -4.62
C GLN A 80 -20.95 2.78 -5.97
N ASP A 81 -20.28 3.81 -6.50
CA ASP A 81 -19.54 3.67 -7.75
C ASP A 81 -18.17 3.02 -7.55
N LEU A 82 -17.67 2.96 -6.33
CA LEU A 82 -16.43 2.25 -6.06
C LEU A 82 -16.69 0.74 -6.18
N ARG A 83 -15.99 0.10 -7.12
CA ARG A 83 -16.22 -1.31 -7.38
C ARG A 83 -15.17 -2.23 -6.78
N LEU A 84 -13.96 -1.75 -6.55
CA LEU A 84 -12.86 -2.62 -6.17
C LEU A 84 -11.88 -1.89 -5.28
N ILE A 85 -11.42 -2.58 -4.23
CA ILE A 85 -10.34 -2.12 -3.36
C ILE A 85 -9.16 -3.06 -3.52
N LEU A 86 -8.01 -2.50 -3.85
CA LEU A 86 -6.75 -3.24 -3.93
C LEU A 86 -5.81 -2.75 -2.84
N LEU A 87 -4.91 -3.62 -2.40
CA LEU A 87 -4.06 -3.33 -1.26
C LEU A 87 -2.59 -3.64 -1.57
N SER A 88 -1.70 -2.79 -1.06
CA SER A 88 -0.29 -3.14 -1.03
C SER A 88 -0.03 -4.19 0.04
N HIS A 89 -0.29 -3.85 1.30
CA HIS A 89 -0.25 -4.82 2.38
C HIS A 89 -1.24 -4.39 3.46
N ALA A 90 -1.61 -5.35 4.30
CA ALA A 90 -2.73 -5.19 5.23
C ALA A 90 -2.27 -4.72 6.61
N HIS A 91 -1.53 -3.62 6.67
CA HIS A 91 -1.19 -2.98 7.93
C HIS A 91 -2.16 -1.82 8.21
N ALA A 92 -2.25 -1.45 9.49
CA ALA A 92 -3.27 -0.49 9.92
C ALA A 92 -3.16 0.85 9.20
N ASP A 93 -1.95 1.25 8.80
CA ASP A 93 -1.79 2.53 8.14
C ASP A 93 -1.97 2.47 6.62
N HIS A 94 -2.43 1.34 6.08
CA HIS A 94 -2.63 1.27 4.64
C HIS A 94 -3.97 0.61 4.33
N ALA A 95 -4.41 -0.29 5.20
CA ALA A 95 -5.67 -1.00 5.06
C ALA A 95 -6.64 -0.70 6.19
N GLY A 96 -6.36 0.35 6.97
CA GLY A 96 -7.19 0.73 8.09
C GLY A 96 -8.69 0.82 7.83
N PRO A 97 -9.10 1.62 6.84
CA PRO A 97 -10.53 1.86 6.63
C PRO A 97 -11.24 0.89 5.72
N VAL A 98 -10.63 -0.26 5.39
CA VAL A 98 -11.21 -1.16 4.39
C VAL A 98 -12.57 -1.67 4.84
N ALA A 99 -12.70 -2.06 6.12
CA ALA A 99 -13.97 -2.55 6.63
C ALA A 99 -15.08 -1.52 6.44
N GLU A 100 -14.83 -0.28 6.87
CA GLU A 100 -15.85 0.76 6.76
C GLU A 100 -16.15 1.08 5.30
N LEU A 101 -15.13 1.05 4.44
CA LEU A 101 -15.35 1.35 3.03
C LEU A 101 -16.22 0.28 2.36
N LYS A 102 -16.00 -0.99 2.69
CA LYS A 102 -16.84 -2.04 2.14
C LYS A 102 -18.30 -1.84 2.54
N ARG A 103 -18.55 -1.50 3.81
CA ARG A 103 -19.92 -1.35 4.29
C ARG A 103 -20.64 -0.21 3.58
N ARG A 104 -19.93 0.86 3.23
CA ARG A 104 -20.57 2.07 2.73
C ARG A 104 -20.55 2.17 1.20
N THR A 105 -19.74 1.37 0.51
CA THR A 105 -19.64 1.45 -0.94
C THR A 105 -20.09 0.18 -1.67
N GLY A 106 -20.12 -0.97 -1.01
CA GLY A 106 -20.39 -2.21 -1.70
C GLY A 106 -19.25 -2.70 -2.57
N ALA A 107 -18.07 -2.11 -2.44
CA ALA A 107 -16.92 -2.52 -3.24
C ALA A 107 -16.39 -3.87 -2.76
N HIS A 108 -15.76 -4.59 -3.68
CA HIS A 108 -15.11 -5.86 -3.37
C HIS A 108 -13.62 -5.63 -3.15
N VAL A 109 -13.03 -6.49 -2.33
CA VAL A 109 -11.60 -6.46 -2.04
C VAL A 109 -10.95 -7.65 -2.74
N ALA A 110 -9.90 -7.37 -3.51
CA ALA A 110 -9.09 -8.41 -4.14
C ALA A 110 -7.70 -8.37 -3.53
N ALA A 111 -7.24 -9.52 -3.06
CA ALA A 111 -5.96 -9.61 -2.37
C ALA A 111 -5.47 -11.06 -2.46
N ASN A 112 -4.17 -11.24 -2.25
CA ASN A 112 -3.65 -12.59 -2.19
C ASN A 112 -3.97 -13.22 -0.83
N ALA A 113 -3.67 -14.51 -0.71
CA ALA A 113 -4.08 -15.27 0.47
C ALA A 113 -3.41 -14.74 1.74
N GLU A 114 -2.13 -14.35 1.66
CA GLU A 114 -1.44 -13.87 2.84
C GLU A 114 -2.03 -12.55 3.32
N THR A 115 -2.33 -11.63 2.39
CA THR A 115 -2.94 -10.37 2.79
C THR A 115 -4.37 -10.58 3.27
N ALA A 116 -5.09 -11.54 2.67
CA ALA A 116 -6.45 -11.81 3.11
C ALA A 116 -6.50 -12.34 4.53
N VAL A 117 -5.59 -13.26 4.87
CA VAL A 117 -5.56 -13.83 6.21
C VAL A 117 -5.19 -12.76 7.24
N LEU A 118 -4.25 -11.87 6.89
CA LEU A 118 -3.89 -10.79 7.79
C LEU A 118 -5.03 -9.76 7.90
N LEU A 119 -5.66 -9.44 6.77
CA LEU A 119 -6.80 -8.52 6.79
C LEU A 119 -7.93 -9.08 7.63
N ALA A 120 -8.15 -10.40 7.58
CA ALA A 120 -9.21 -11.02 8.35
C ALA A 120 -8.93 -11.04 9.85
N ARG A 121 -7.67 -10.91 10.26
CA ARG A 121 -7.32 -10.76 11.66
C ARG A 121 -7.32 -9.31 12.12
N GLY A 122 -7.64 -8.37 11.22
CA GLY A 122 -7.51 -6.96 11.56
C GLY A 122 -6.11 -6.55 11.91
N GLY A 123 -5.11 -7.20 11.33
CA GLY A 123 -3.72 -6.90 11.63
C GLY A 123 -3.22 -7.45 12.94
N SER A 124 -4.06 -8.11 13.73
CA SER A 124 -3.63 -8.71 14.97
C SER A 124 -2.65 -9.85 14.70
N ASN A 125 -1.91 -10.23 15.75
CA ASN A 125 -0.94 -11.32 15.68
C ASN A 125 0.05 -11.09 14.55
N ASP A 126 0.54 -9.86 14.44
CA ASP A 126 1.55 -9.53 13.45
C ASP A 126 2.84 -10.30 13.74
N LEU A 127 3.51 -10.76 12.69
CA LEU A 127 4.74 -11.53 12.87
C LEU A 127 5.80 -10.74 13.62
N HIS A 128 5.74 -9.40 13.54
CA HIS A 128 6.73 -8.55 14.17
C HIS A 128 6.14 -7.58 15.20
N PHE A 129 4.91 -7.12 15.02
CA PHE A 129 4.33 -6.11 15.89
C PHE A 129 3.30 -6.66 16.88
N GLY A 130 3.04 -7.96 16.86
CA GLY A 130 2.08 -8.51 17.79
C GLY A 130 0.69 -7.95 17.56
N ASP A 131 0.08 -7.43 18.64
CA ASP A 131 -1.24 -6.83 18.58
C ASP A 131 -1.20 -5.30 18.71
N GLY A 132 -0.05 -4.69 18.45
CA GLY A 132 0.09 -3.25 18.60
C GLY A 132 -0.56 -2.41 17.53
N ILE A 133 -0.83 -2.98 16.35
CA ILE A 133 -1.42 -2.22 15.26
C ILE A 133 -2.68 -2.92 14.75
N THR A 134 -3.64 -3.16 15.64
CA THR A 134 -4.90 -3.77 15.25
C THR A 134 -5.85 -2.73 14.68
N TYR A 135 -6.61 -3.12 13.65
CA TYR A 135 -7.62 -2.27 13.04
C TYR A 135 -8.86 -3.12 12.77
N PRO A 136 -10.00 -2.53 12.43
CA PRO A 136 -11.20 -3.34 12.14
C PRO A 136 -10.93 -4.32 11.01
N PRO A 137 -11.21 -5.60 11.22
CA PRO A 137 -10.92 -6.61 10.20
C PRO A 137 -11.92 -6.54 9.05
N ALA A 138 -11.47 -7.04 7.90
CA ALA A 138 -12.29 -7.09 6.70
C ALA A 138 -11.96 -8.38 5.95
N SER A 139 -12.89 -8.79 5.09
CA SER A 139 -12.79 -10.04 4.36
C SER A 139 -12.48 -9.77 2.89
N ALA A 140 -11.64 -10.63 2.31
CA ALA A 140 -11.33 -10.56 0.89
C ALA A 140 -12.38 -11.33 0.10
N ASP A 141 -12.90 -10.69 -0.95
CA ASP A 141 -13.93 -11.31 -1.77
C ASP A 141 -13.35 -12.10 -2.95
N ARG A 142 -12.13 -11.78 -3.37
CA ARG A 142 -11.46 -12.48 -4.45
C ARG A 142 -10.02 -12.72 -4.06
N ILE A 143 -9.56 -13.97 -4.17
CA ILE A 143 -8.18 -14.32 -3.88
C ILE A 143 -7.38 -14.22 -5.17
N ILE A 144 -6.24 -13.53 -5.10
CA ILE A 144 -5.42 -13.20 -6.26
C ILE A 144 -4.13 -14.00 -6.20
N MET A 145 -3.72 -14.53 -7.35
CA MET A 145 -2.43 -15.22 -7.49
C MET A 145 -1.40 -14.26 -8.09
N ASP A 146 -0.13 -14.67 -8.00
CA ASP A 146 0.94 -13.86 -8.52
C ASP A 146 0.82 -13.72 -10.04
N GLY A 147 0.90 -12.49 -10.54
CA GLY A 147 0.76 -12.21 -11.94
C GLY A 147 -0.66 -12.13 -12.46
N GLU A 148 -1.66 -12.35 -11.60
CA GLU A 148 -3.04 -12.35 -12.05
C GLU A 148 -3.52 -10.94 -12.40
N VAL A 149 -4.37 -10.85 -13.41
CA VAL A 149 -4.86 -9.57 -13.93
C VAL A 149 -6.27 -9.34 -13.41
N VAL A 150 -6.50 -8.15 -12.84
CA VAL A 150 -7.80 -7.74 -12.35
C VAL A 150 -8.25 -6.55 -13.18
N THR A 151 -9.42 -6.65 -13.81
CA THR A 151 -9.88 -5.68 -14.78
C THR A 151 -11.16 -5.01 -14.30
N VAL A 152 -11.16 -3.68 -14.30
CA VAL A 152 -12.34 -2.88 -13.98
C VAL A 152 -12.46 -1.80 -15.04
N GLY A 153 -13.62 -1.74 -15.71
CA GLY A 153 -13.84 -0.73 -16.74
C GLY A 153 -12.84 -0.77 -17.87
N GLY A 154 -12.25 -1.94 -18.13
CA GLY A 154 -11.26 -2.08 -19.19
C GLY A 154 -9.83 -1.78 -18.80
N ILE A 155 -9.58 -1.41 -17.54
CA ILE A 155 -8.24 -1.11 -17.06
C ILE A 155 -7.71 -2.34 -16.34
N ALA A 156 -6.61 -2.90 -16.85
CA ALA A 156 -6.04 -4.12 -16.31
C ALA A 156 -5.05 -3.79 -15.20
N PHE A 157 -5.26 -4.40 -14.03
CA PHE A 157 -4.34 -4.29 -12.90
C PHE A 157 -3.63 -5.63 -12.73
N THR A 158 -2.30 -5.60 -12.69
CA THR A 158 -1.50 -6.80 -12.57
C THR A 158 -0.79 -6.82 -11.23
N ALA A 159 -0.93 -7.93 -10.51
CA ALA A 159 -0.34 -8.08 -9.19
C ALA A 159 1.03 -8.74 -9.29
N HIS A 160 1.98 -8.19 -8.53
CA HIS A 160 3.35 -8.71 -8.48
C HIS A 160 3.72 -8.93 -7.02
N PHE A 161 3.80 -10.20 -6.61
CA PHE A 161 4.11 -10.51 -5.23
C PHE A 161 5.54 -10.09 -4.90
N MET A 162 5.68 -9.31 -3.83
CA MET A 162 6.99 -8.90 -3.31
C MET A 162 6.99 -9.10 -1.80
N PRO A 163 7.03 -10.35 -1.34
CA PRO A 163 6.97 -10.62 0.09
C PRO A 163 8.18 -10.07 0.82
N GLY A 164 7.96 -9.67 2.07
CA GLY A 164 9.02 -9.09 2.88
C GLY A 164 8.49 -8.24 4.00
N HIS A 165 8.07 -7.01 3.69
CA HIS A 165 7.46 -6.14 4.69
C HIS A 165 6.29 -6.85 5.37
N THR A 166 5.46 -7.52 4.58
CA THR A 166 4.49 -8.50 5.05
C THR A 166 4.58 -9.68 4.10
N PRO A 167 4.17 -10.87 4.56
CA PRO A 167 4.13 -12.02 3.64
C PRO A 167 3.30 -11.76 2.39
N GLY A 168 2.22 -10.99 2.50
CA GLY A 168 1.36 -10.70 1.37
C GLY A 168 1.68 -9.43 0.61
N SER A 169 2.84 -8.81 0.84
CA SER A 169 3.16 -7.55 0.17
C SER A 169 3.09 -7.70 -1.34
N THR A 170 2.39 -6.77 -1.99
CA THR A 170 2.08 -6.85 -3.41
C THR A 170 2.32 -5.50 -4.07
N ALA A 171 2.87 -5.55 -5.29
CA ALA A 171 2.96 -4.38 -6.15
C ALA A 171 1.89 -4.48 -7.24
N TRP A 172 1.26 -3.35 -7.55
CA TRP A 172 0.22 -3.29 -8.56
C TRP A 172 0.67 -2.40 -9.71
N THR A 173 0.59 -2.92 -10.93
CA THR A 173 0.99 -2.19 -12.12
C THR A 173 -0.20 -2.05 -13.06
N TRP A 174 -0.28 -0.91 -13.73
CA TRP A 174 -1.29 -0.67 -14.75
C TRP A 174 -0.81 0.46 -15.65
N THR A 175 -1.43 0.55 -16.83
CA THR A 175 -1.06 1.53 -17.83
C THR A 175 -2.17 2.58 -17.94
N ASP A 176 -1.82 3.82 -17.62
CA ASP A 176 -2.69 4.96 -17.81
C ASP A 176 -2.19 5.77 -19.00
N THR A 177 -2.70 6.98 -19.16
CA THR A 177 -2.30 7.87 -20.23
C THR A 177 -2.03 9.26 -19.68
N ARG A 178 -1.28 10.03 -20.48
CA ARG A 178 -0.99 11.43 -20.19
C ARG A 178 -0.40 12.07 -21.44
N ASP A 179 -0.95 13.21 -21.86
CA ASP A 179 -0.52 13.89 -23.08
C ASP A 179 -0.65 12.95 -24.28
N GLY A 180 -1.69 12.12 -24.27
CA GLY A 180 -1.90 11.16 -25.34
C GLY A 180 -0.93 10.01 -25.39
N LYS A 181 0.04 9.94 -24.47
CA LYS A 181 1.02 8.88 -24.47
C LYS A 181 0.82 7.95 -23.28
N PRO A 182 1.16 6.67 -23.43
CA PRO A 182 0.97 5.73 -22.32
C PRO A 182 1.91 6.02 -21.15
N VAL A 183 1.40 5.74 -19.95
CA VAL A 183 2.16 5.90 -18.71
C VAL A 183 1.99 4.60 -17.93
N ARG A 184 3.09 3.87 -17.75
CA ARG A 184 3.08 2.61 -17.01
C ARG A 184 3.33 2.92 -15.54
N ILE A 185 2.25 2.93 -14.75
CA ILE A 185 2.33 3.23 -13.33
C ILE A 185 2.62 1.96 -12.56
N ALA A 186 3.57 2.05 -11.63
CA ALA A 186 3.90 0.95 -10.72
C ALA A 186 3.69 1.42 -9.29
N TYR A 187 2.74 0.79 -8.60
CA TYR A 187 2.50 1.05 -7.19
C TYR A 187 3.17 -0.08 -6.42
N ALA A 188 4.42 0.16 -6.01
CA ALA A 188 5.22 -0.85 -5.33
C ALA A 188 5.07 -0.71 -3.82
N ASP A 189 5.00 -1.85 -3.13
CA ASP A 189 4.80 -1.86 -1.70
C ASP A 189 6.08 -1.47 -0.96
N SER A 190 5.96 -1.32 0.36
CA SER A 190 7.10 -0.99 1.19
C SER A 190 8.14 -2.12 1.17
N LEU A 191 9.40 -1.72 1.23
CA LEU A 191 10.52 -2.66 1.32
C LEU A 191 11.30 -2.48 2.62
N SER A 192 10.70 -1.83 3.61
CA SER A 192 11.35 -1.62 4.90
C SER A 192 11.14 -2.84 5.80
N ALA A 193 11.96 -2.89 6.85
CA ALA A 193 11.83 -3.92 7.89
C ALA A 193 12.01 -3.26 9.25
N PRO A 194 11.12 -2.31 9.61
CA PRO A 194 11.38 -1.47 10.78
C PRO A 194 11.32 -2.24 12.09
N GLY A 195 12.49 -2.43 12.72
CA GLY A 195 12.55 -3.17 13.96
C GLY A 195 12.34 -4.66 13.80
N TYR A 196 12.35 -5.18 12.59
CA TYR A 196 12.19 -6.61 12.39
C TYR A 196 13.45 -7.36 12.83
N GLN A 197 13.26 -8.58 13.31
CA GLN A 197 14.35 -9.53 13.41
C GLN A 197 14.46 -10.25 12.08
N LEU A 198 15.57 -10.04 11.37
CA LEU A 198 15.73 -10.60 10.04
C LEU A 198 16.31 -12.01 10.06
N LYS A 199 17.32 -12.24 10.90
CA LYS A 199 18.08 -13.48 10.88
C LYS A 199 17.49 -14.50 11.84
N GLY A 200 17.20 -15.69 11.33
CA GLY A 200 16.69 -16.77 12.15
C GLY A 200 15.40 -16.44 12.87
N ASN A 201 14.44 -15.87 12.14
CA ASN A 201 13.15 -15.52 12.71
C ASN A 201 12.22 -16.72 12.68
N PRO A 202 11.81 -17.26 13.82
CA PRO A 202 10.96 -18.47 13.79
C PRO A 202 9.61 -18.25 13.13
N ARG A 203 9.04 -17.06 13.24
CA ARG A 203 7.78 -16.75 12.54
C ARG A 203 7.98 -16.52 11.05
N TYR A 204 9.22 -16.30 10.59
CA TYR A 204 9.49 -15.98 9.19
C TYR A 204 10.89 -16.46 8.85
N PRO A 205 11.07 -17.78 8.70
CA PRO A 205 12.43 -18.31 8.53
C PRO A 205 13.08 -17.93 7.20
N ARG A 206 12.29 -17.74 6.14
N ARG A 206 12.29 -17.74 6.14
CA ARG A 206 12.80 -17.35 4.84
CA ARG A 206 12.82 -17.36 4.84
C ARG A 206 12.67 -15.85 4.59
C ARG A 206 12.68 -15.85 4.58
N LEU A 207 12.71 -15.06 5.65
CA LEU A 207 12.49 -13.61 5.51
C LEU A 207 13.54 -12.96 4.63
N ILE A 208 14.81 -13.34 4.80
CA ILE A 208 15.88 -12.69 4.04
C ILE A 208 15.79 -13.05 2.57
N GLU A 209 15.52 -14.33 2.27
CA GLU A 209 15.40 -14.75 0.87
C GLU A 209 14.24 -14.03 0.18
N ASP A 210 13.13 -13.82 0.89
CA ASP A 210 11.98 -13.15 0.30
C ASP A 210 12.29 -11.69 -0.03
N TYR A 211 12.93 -10.98 0.90
CA TYR A 211 13.35 -9.61 0.64
C TYR A 211 14.25 -9.53 -0.58
N LYS A 212 15.21 -10.47 -0.69
CA LYS A 212 16.15 -10.45 -1.81
C LYS A 212 15.43 -10.61 -3.14
N ARG A 213 14.56 -11.61 -3.25
CA ARG A 213 13.78 -11.77 -4.48
C ARG A 213 12.87 -10.58 -4.73
N SER A 214 12.36 -9.96 -3.66
CA SER A 214 11.46 -8.81 -3.83
C SER A 214 12.22 -7.60 -4.37
N PHE A 215 13.47 -7.41 -3.95
CA PHE A 215 14.31 -6.37 -4.55
C PHE A 215 14.42 -6.57 -6.05
N ALA A 216 14.62 -7.82 -6.49
CA ALA A 216 14.73 -8.10 -7.91
C ALA A 216 13.39 -7.92 -8.62
N THR A 217 12.30 -8.28 -7.96
CA THR A 217 10.97 -8.10 -8.55
C THR A 217 10.67 -6.64 -8.81
N VAL A 218 11.03 -5.76 -7.87
CA VAL A 218 10.77 -4.34 -8.03
C VAL A 218 11.60 -3.77 -9.18
N ARG A 219 12.83 -4.27 -9.38
CA ARG A 219 13.67 -3.77 -10.46
C ARG A 219 13.07 -4.06 -11.83
N ALA A 220 12.36 -5.18 -11.97
CA ALA A 220 11.87 -5.65 -13.26
C ALA A 220 10.44 -5.18 -13.57
N LEU A 221 9.85 -4.35 -12.72
CA LEU A 221 8.47 -3.93 -12.94
C LEU A 221 8.38 -2.99 -14.14
N PRO A 222 7.29 -3.06 -14.91
CA PRO A 222 7.02 -2.01 -15.90
C PRO A 222 6.73 -0.70 -15.18
N CYS A 223 7.57 0.30 -15.45
CA CYS A 223 7.72 1.40 -14.50
C CYS A 223 8.12 2.67 -15.24
N ASP A 224 7.13 3.43 -15.70
CA ASP A 224 7.35 4.81 -16.10
C ASP A 224 7.18 5.78 -14.93
N LEU A 225 6.31 5.46 -13.99
CA LEU A 225 6.08 6.28 -12.81
C LEU A 225 5.88 5.38 -11.61
N LEU A 226 6.67 5.61 -10.56
CA LEU A 226 6.65 4.79 -9.37
C LEU A 226 5.94 5.51 -8.24
N LEU A 227 5.04 4.81 -7.55
CA LEU A 227 4.42 5.30 -6.34
C LEU A 227 4.53 4.23 -5.26
N THR A 228 4.58 4.67 -4.01
CA THR A 228 4.72 3.80 -2.85
C THR A 228 3.68 4.18 -1.81
N PRO A 229 3.33 3.26 -0.91
CA PRO A 229 2.35 3.59 0.13
C PRO A 229 2.75 4.78 1.00
N HIS A 230 4.04 4.88 1.34
CA HIS A 230 4.56 6.09 1.95
C HIS A 230 5.24 6.91 0.87
N PRO A 231 4.73 8.09 0.53
CA PRO A 231 5.30 8.84 -0.61
C PRO A 231 6.77 9.16 -0.47
N GLY A 232 7.27 9.38 0.75
CA GLY A 232 8.68 9.65 0.93
C GLY A 232 9.59 8.51 0.55
N ALA A 233 9.06 7.28 0.52
CA ALA A 233 9.87 6.13 0.14
C ALA A 233 10.28 6.20 -1.32
N SER A 234 9.45 6.82 -2.17
CA SER A 234 9.76 7.00 -3.58
C SER A 234 10.00 8.46 -3.94
N ASN A 235 10.17 9.33 -2.94
CA ASN A 235 10.57 10.72 -3.10
C ASN A 235 9.45 11.59 -3.69
N TRP A 236 8.20 11.23 -3.44
CA TRP A 236 7.10 12.14 -3.75
C TRP A 236 6.95 13.17 -2.63
N ASN A 237 6.29 14.27 -2.97
CA ASN A 237 5.92 15.30 -1.98
C ASN A 237 4.52 15.80 -2.35
N TYR A 238 3.51 15.11 -1.84
CA TYR A 238 2.12 15.38 -2.22
C TYR A 238 1.69 16.82 -1.93
N ALA A 239 2.42 17.53 -1.07
CA ALA A 239 1.97 18.87 -0.65
C ALA A 239 2.27 19.95 -1.67
N VAL A 240 3.29 19.76 -2.52
CA VAL A 240 3.71 20.83 -3.43
C VAL A 240 2.95 20.75 -4.74
N GLY A 241 1.83 20.03 -4.75
CA GLY A 241 0.91 20.12 -5.87
C GLY A 241 1.46 19.46 -7.13
N SER A 242 1.43 20.20 -8.23
CA SER A 242 1.82 19.68 -9.55
C SER A 242 3.31 19.40 -9.65
N LYS A 243 4.11 19.75 -8.65
CA LYS A 243 5.52 19.40 -8.62
C LYS A 243 5.80 18.21 -7.70
N ALA A 244 4.75 17.49 -7.29
CA ALA A 244 4.90 16.44 -6.29
C ALA A 244 5.77 15.29 -6.77
N SER A 245 5.76 14.99 -8.07
CA SER A 245 6.44 13.84 -8.63
C SER A 245 7.79 14.19 -9.23
N ALA A 246 8.26 15.43 -9.07
CA ALA A 246 9.45 15.88 -9.79
C ALA A 246 10.68 15.06 -9.43
N GLU A 247 10.87 14.77 -8.13
CA GLU A 247 12.05 14.06 -7.66
C GLU A 247 11.79 12.57 -7.44
N ALA A 248 10.71 12.03 -7.98
CA ALA A 248 10.36 10.64 -7.73
C ALA A 248 11.43 9.70 -8.25
N LEU A 249 11.67 8.61 -7.53
CA LEU A 249 12.69 7.65 -7.90
C LEU A 249 12.17 6.70 -8.98
N THR A 250 13.10 6.10 -9.70
CA THR A 250 12.77 4.98 -10.57
C THR A 250 12.49 3.73 -9.72
N CYS A 251 11.95 2.71 -10.37
CA CYS A 251 11.80 1.43 -9.70
C CYS A 251 13.16 0.83 -9.35
N ASN A 252 14.14 1.01 -10.23
CA ASN A 252 15.48 0.50 -9.95
C ASN A 252 16.13 1.23 -8.78
N ALA A 253 15.99 2.55 -8.73
CA ALA A 253 16.57 3.31 -7.63
C ALA A 253 15.90 2.99 -6.31
N TYR A 254 14.58 2.78 -6.34
CA TYR A 254 13.86 2.41 -5.11
C TYR A 254 14.34 1.07 -4.58
N ALA A 255 14.39 0.05 -5.43
CA ALA A 255 14.84 -1.26 -4.99
C ALA A 255 16.29 -1.23 -4.52
N ASP A 256 17.14 -0.46 -5.20
CA ASP A 256 18.54 -0.40 -4.80
C ASP A 256 18.73 0.33 -3.48
N ALA A 257 18.05 1.46 -3.31
CA ALA A 257 18.11 2.17 -2.03
C ALA A 257 17.58 1.30 -0.90
N ALA A 258 16.56 0.49 -1.18
CA ALA A 258 15.99 -0.36 -0.15
C ALA A 258 16.94 -1.49 0.22
N GLU A 259 17.64 -2.05 -0.78
CA GLU A 259 18.53 -3.18 -0.49
C GLU A 259 19.73 -2.75 0.31
N LYS A 260 20.26 -1.55 0.05
CA LYS A 260 21.40 -1.08 0.83
C LYS A 260 21.00 -0.81 2.28
N LYS A 261 19.83 -0.20 2.49
CA LYS A 261 19.33 -0.05 3.84
C LYS A 261 19.10 -1.41 4.50
N PHE A 262 18.61 -2.38 3.74
CA PHE A 262 18.40 -3.71 4.28
C PHE A 262 19.72 -4.38 4.63
N ASP A 263 20.72 -4.29 3.74
CA ASP A 263 22.01 -4.90 4.02
C ASP A 263 22.73 -4.24 5.18
N ALA A 264 22.54 -2.92 5.35
CA ALA A 264 23.15 -2.23 6.49
C ALA A 264 22.46 -2.61 7.79
N GLN A 265 21.13 -2.77 7.76
CA GLN A 265 20.41 -3.20 8.95
C GLN A 265 20.76 -4.64 9.29
N LEU A 266 20.96 -5.49 8.27
CA LEU A 266 21.31 -6.88 8.51
C LEU A 266 22.67 -6.98 9.20
N ALA A 267 23.64 -6.18 8.76
CA ALA A 267 24.95 -6.18 9.41
C ALA A 267 24.88 -5.57 10.79
N ARG A 268 24.06 -4.54 10.97
CA ARG A 268 23.87 -3.94 12.29
C ARG A 268 23.20 -4.93 13.24
N GLU A 269 22.28 -5.75 12.73
CA GLU A 269 21.65 -6.77 13.56
C GLU A 269 22.66 -7.81 14.02
N THR A 270 23.57 -8.22 13.14
CA THR A 270 24.65 -9.11 13.55
C THR A 270 25.51 -8.48 14.63
N ALA A 271 25.63 -7.16 14.63
CA ALA A 271 26.46 -6.44 15.59
C ALA A 271 25.66 -5.81 16.73
N GLY A 272 24.44 -6.30 16.97
CA GLY A 272 23.60 -5.74 18.02
C GLY A 272 22.83 -6.76 18.84
#